data_3LLT
#
_entry.id   3LLT
#
_cell.length_a   140.081
_cell.length_b   140.081
_cell.length_c   52.418
_cell.angle_alpha   90.00
_cell.angle_beta   90.00
_cell.angle_gamma   120.00
#
_symmetry.space_group_name_H-M   'P 65'
#
loop_
_entity.id
_entity.type
_entity.pdbx_description
1 polymer 'Serine/threonine kinase-1, PfLammer'
2 non-polymer 'SULFATE ION'
3 non-polymer 'ACETATE ION'
4 non-polymer 'PHOSPHOAMINOPHOSPHONIC ACID-ADENYLATE ESTER'
5 water water
#
_entity_poly.entity_id   1
_entity_poly.type   'polypeptide(L)'
_entity_poly.pdbx_seq_one_letter_code
;MHHHHHHSSGRENLYFQGDDEIVHFSWKKGMLLNNAFLVIRKMGDGTFGRVLLCQHIDNKKYYAVKVVRNIKKYTRSAKI
EADILKKIQNDDINNNNIVKYHGKFMYYDHMCLIFEPLGPSLYEIITRNNYNGFHIEDIKLYCIEILKALNYLRKMSLTH
TDLKPENILLDDPYFEKSLITVRRVTDGKKIQIYRTKSTGIKLIDFGCATFKSDYHGSIINTRQYRAPEVILNLGWDVSS
DMWSFGCVLAELYTGSLLFRTHEHMEHLAMMESIIQPIPKNMLYEATKTNGSKYVNKDELKLAWPENASSINSIKHVKKC
LPLYKIIKHELFCDFLYSILQIDPTLRPSPAELLKHKFLE
;
_entity_poly.pdbx_strand_id   A
#
# COMPACT_ATOMS: atom_id res chain seq x y z
N ASP A 20 -19.19 -8.99 6.17
CA ASP A 20 -19.04 -8.72 7.63
C ASP A 20 -17.85 -9.46 8.23
N GLU A 21 -17.36 -8.96 9.38
CA GLU A 21 -16.23 -9.58 10.08
C GLU A 21 -16.62 -10.79 10.93
N ILE A 22 -17.93 -11.06 11.00
CA ILE A 22 -18.43 -12.24 11.70
C ILE A 22 -18.15 -13.51 10.87
N VAL A 23 -17.99 -13.32 9.57
CA VAL A 23 -17.63 -14.40 8.63
C VAL A 23 -16.25 -15.02 8.96
N HIS A 24 -15.40 -14.25 9.62
CA HIS A 24 -14.06 -14.71 10.01
C HIS A 24 -14.09 -15.76 11.12
N PHE A 25 -12.95 -16.44 11.27
CA PHE A 25 -12.75 -17.49 12.27
C PHE A 25 -13.24 -17.12 13.67
N SER A 26 -14.05 -17.99 14.25
CA SER A 26 -14.57 -17.82 15.61
C SER A 26 -13.53 -18.29 16.62
N TRP A 27 -13.15 -17.39 17.52
CA TRP A 27 -12.07 -17.63 18.46
C TRP A 27 -12.47 -17.25 19.89
N LYS A 28 -11.64 -17.63 20.85
CA LYS A 28 -11.81 -17.22 22.24
C LYS A 28 -10.44 -17.17 22.91
N LYS A 29 -10.29 -16.27 23.87
CA LYS A 29 -9.05 -16.20 24.64
C LYS A 29 -8.81 -17.52 25.38
N GLY A 30 -7.60 -18.05 25.26
CA GLY A 30 -7.27 -19.34 25.86
C GLY A 30 -7.33 -20.49 24.89
N MET A 31 -7.74 -20.22 23.65
CA MET A 31 -7.72 -21.21 22.57
C MET A 31 -6.31 -21.72 22.32
N LEU A 32 -6.23 -23.01 21.98
CA LEU A 32 -4.96 -23.65 21.75
C LEU A 32 -4.93 -24.22 20.33
N LEU A 33 -4.20 -23.53 19.46
CA LEU A 33 -4.13 -23.87 18.03
C LEU A 33 -2.96 -24.79 17.74
N ASN A 34 -3.26 -25.92 17.08
CA ASN A 34 -2.25 -26.89 16.61
C ASN A 34 -1.30 -27.39 17.72
N ASN A 35 -1.84 -27.51 18.93
N ASN A 35 -1.83 -27.53 18.93
CA ASN A 35 -1.07 -27.92 20.12
CA ASN A 35 -1.07 -27.92 20.12
C ASN A 35 0.22 -27.14 20.35
C ASN A 35 0.22 -27.13 20.35
N ALA A 36 0.18 -25.84 20.02
CA ALA A 36 1.36 -24.97 20.12
C ALA A 36 1.04 -23.52 20.44
N PHE A 37 0.07 -22.94 19.72
CA PHE A 37 -0.21 -21.51 19.81
C PHE A 37 -1.37 -21.16 20.72
N LEU A 38 -1.10 -20.34 21.72
CA LEU A 38 -2.12 -19.88 22.66
C LEU A 38 -2.67 -18.52 22.23
N VAL A 39 -3.95 -18.50 21.87
CA VAL A 39 -4.62 -17.28 21.41
C VAL A 39 -4.81 -16.30 22.58
N ILE A 40 -4.36 -15.06 22.39
CA ILE A 40 -4.49 -14.01 23.40
C ILE A 40 -5.57 -13.00 23.01
N ARG A 41 -5.43 -12.40 21.82
CA ARG A 41 -6.38 -11.40 21.33
C ARG A 41 -6.32 -11.26 19.81
N LYS A 42 -7.24 -10.47 19.25
CA LYS A 42 -7.24 -10.16 17.82
C LYS A 42 -6.37 -8.93 17.53
N MET A 43 -5.58 -8.99 16.47
CA MET A 43 -4.71 -7.89 16.06
C MET A 43 -5.32 -7.07 14.93
N GLY A 44 -6.02 -7.75 14.01
CA GLY A 44 -6.66 -7.10 12.88
C GLY A 44 -7.33 -8.06 11.93
N ASP A 45 -8.25 -7.54 11.12
CA ASP A 45 -8.98 -8.34 10.14
C ASP A 45 -8.72 -7.84 8.72
N GLY A 46 -8.61 -8.79 7.80
CA GLY A 46 -8.63 -8.49 6.37
C GLY A 46 -9.95 -8.96 5.79
N THR A 47 -9.94 -9.27 4.49
CA THR A 47 -11.10 -9.86 3.85
C THR A 47 -10.92 -11.37 3.72
N PHE A 48 -9.68 -11.81 3.81
CA PHE A 48 -9.33 -13.22 3.65
C PHE A 48 -8.93 -13.90 4.96
N GLY A 49 -8.27 -13.16 5.83
CA GLY A 49 -7.75 -13.72 7.08
C GLY A 49 -7.98 -12.88 8.31
N ARG A 50 -8.05 -13.55 9.45
CA ARG A 50 -8.11 -12.92 10.76
C ARG A 50 -6.79 -13.16 11.49
N VAL A 51 -6.15 -12.07 11.93
CA VAL A 51 -4.83 -12.15 12.55
C VAL A 51 -4.92 -12.07 14.07
N LEU A 52 -4.54 -13.16 14.73
CA LEU A 52 -4.60 -13.27 16.18
C LEU A 52 -3.22 -13.27 16.82
N LEU A 53 -3.08 -12.56 17.93
CA LEU A 53 -1.84 -12.57 18.70
C LEU A 53 -1.76 -13.85 19.53
N CYS A 54 -0.70 -14.62 19.33
CA CYS A 54 -0.53 -15.90 19.99
C CYS A 54 0.82 -16.04 20.67
N GLN A 55 0.86 -16.77 21.77
CA GLN A 55 2.12 -17.18 22.39
C GLN A 55 2.31 -18.68 22.22
N HIS A 56 3.49 -19.05 21.71
CA HIS A 56 3.87 -20.46 21.55
C HIS A 56 4.21 -21.03 22.92
N ILE A 57 3.63 -22.17 23.26
CA ILE A 57 3.80 -22.76 24.60
C ILE A 57 5.15 -23.47 24.81
N ASP A 58 5.91 -23.66 23.73
CA ASP A 58 7.22 -24.31 23.81
C ASP A 58 8.37 -23.33 23.99
N ASN A 59 8.29 -22.17 23.34
CA ASN A 59 9.36 -21.17 23.39
C ASN A 59 8.98 -19.85 24.07
N LYS A 60 7.68 -19.67 24.31
CA LYS A 60 7.12 -18.47 24.96
C LYS A 60 7.18 -17.21 24.05
N LYS A 61 7.70 -17.37 22.84
CA LYS A 61 7.77 -16.29 21.86
C LYS A 61 6.37 -15.91 21.34
N TYR A 62 6.22 -14.65 20.92
CA TYR A 62 4.94 -14.14 20.44
C TYR A 62 4.88 -14.14 18.92
N TYR A 63 3.71 -14.50 18.39
CA TYR A 63 3.48 -14.56 16.95
C TYR A 63 2.14 -13.97 16.55
N ALA A 64 2.09 -13.44 15.33
CA ALA A 64 0.84 -13.04 14.71
C ALA A 64 0.39 -14.19 13.80
N VAL A 65 -0.73 -14.80 14.14
CA VAL A 65 -1.24 -15.94 13.36
C VAL A 65 -2.42 -15.51 12.51
N LYS A 66 -2.24 -15.57 11.19
CA LYS A 66 -3.31 -15.26 10.25
C LYS A 66 -4.12 -16.51 9.93
N VAL A 67 -5.35 -16.54 10.39
CA VAL A 67 -6.26 -17.65 10.15
C VAL A 67 -7.14 -17.30 8.94
N VAL A 68 -6.91 -17.99 7.83
CA VAL A 68 -7.63 -17.77 6.58
C VAL A 68 -8.99 -18.48 6.61
N ARG A 69 -9.99 -17.87 5.99
CA ARG A 69 -11.37 -18.37 6.00
C ARG A 69 -11.53 -19.77 5.39
N ASN A 70 -12.56 -20.48 5.85
CA ASN A 70 -12.86 -21.87 5.45
C ASN A 70 -12.81 -22.13 3.95
N ILE A 71 -13.24 -21.16 3.16
CA ILE A 71 -13.37 -21.29 1.70
C ILE A 71 -12.13 -21.86 1.03
N LYS A 72 -12.35 -22.76 0.08
CA LYS A 72 -11.28 -23.52 -0.58
C LYS A 72 -10.40 -22.67 -1.50
N LYS A 73 -10.99 -21.66 -2.15
CA LYS A 73 -10.24 -20.79 -3.06
C LYS A 73 -9.29 -19.86 -2.30
N TYR A 74 -9.68 -19.49 -1.08
CA TYR A 74 -8.84 -18.66 -0.21
C TYR A 74 -7.72 -19.47 0.43
N THR A 75 -7.95 -20.78 0.56
CA THR A 75 -6.93 -21.72 1.04
C THR A 75 -5.82 -21.86 -0.01
N ARG A 76 -6.22 -21.96 -1.28
CA ARG A 76 -5.28 -22.11 -2.39
C ARG A 76 -4.40 -20.86 -2.57
N SER A 77 -5.00 -19.68 -2.46
CA SER A 77 -4.26 -18.42 -2.60
C SER A 77 -3.33 -18.18 -1.41
N ALA A 78 -3.75 -18.63 -0.22
CA ALA A 78 -2.93 -18.55 0.98
C ALA A 78 -1.67 -19.41 0.85
N LYS A 79 -1.78 -20.54 0.16
CA LYS A 79 -0.65 -21.42 -0.10
C LYS A 79 0.35 -20.75 -1.04
N ILE A 80 -0.17 -20.01 -2.03
CA ILE A 80 0.67 -19.22 -2.93
C ILE A 80 1.32 -18.08 -2.14
N GLU A 81 0.55 -17.44 -1.27
CA GLU A 81 1.04 -16.39 -0.39
C GLU A 81 2.17 -16.92 0.50
N ALA A 82 1.98 -18.09 1.09
CA ALA A 82 3.00 -18.76 1.90
C ALA A 82 4.26 -19.01 1.10
N ASP A 83 4.07 -19.43 -0.15
CA ASP A 83 5.16 -19.73 -1.07
C ASP A 83 5.97 -18.48 -1.42
N ILE A 84 5.26 -17.39 -1.74
CA ILE A 84 5.90 -16.10 -2.06
C ILE A 84 6.67 -15.56 -0.85
N LEU A 85 6.02 -15.56 0.32
CA LEU A 85 6.64 -15.11 1.56
C LEU A 85 7.92 -15.88 1.90
N LYS A 86 7.89 -17.20 1.68
CA LYS A 86 9.03 -18.07 1.95
C LYS A 86 10.25 -17.72 1.08
N LYS A 87 10.00 -17.37 -0.18
CA LYS A 87 11.06 -17.04 -1.13
C LYS A 87 11.77 -15.74 -0.81
N ILE A 88 11.07 -14.79 -0.19
CA ILE A 88 11.64 -13.47 0.09
C ILE A 88 12.13 -13.28 1.53
N GLN A 89 12.10 -14.34 2.34
CA GLN A 89 12.70 -14.32 3.67
C GLN A 89 14.22 -14.33 3.53
N ASN A 90 14.87 -13.39 4.22
CA ASN A 90 16.32 -13.20 4.10
C ASN A 90 17.01 -13.10 5.46
N ASP A 91 18.28 -12.72 5.46
CA ASP A 91 19.07 -12.69 6.69
C ASP A 91 19.54 -11.28 7.09
N ASP A 92 18.93 -10.27 6.47
CA ASP A 92 19.13 -8.87 6.86
C ASP A 92 18.61 -8.64 8.28
N ILE A 93 19.15 -7.64 8.96
CA ILE A 93 18.75 -7.34 10.35
C ILE A 93 17.25 -7.04 10.46
N ASN A 94 16.75 -6.22 9.53
CA ASN A 94 15.35 -5.83 9.50
C ASN A 94 14.54 -6.64 8.49
N ASN A 95 15.09 -7.78 8.06
CA ASN A 95 14.50 -8.63 7.04
C ASN A 95 14.19 -7.87 5.74
N ASN A 96 15.04 -6.89 5.44
CA ASN A 96 14.83 -5.93 4.35
C ASN A 96 13.46 -5.24 4.39
N ASN A 97 12.97 -5.02 5.62
CA ASN A 97 11.67 -4.39 5.89
C ASN A 97 10.47 -5.14 5.31
N ILE A 98 10.62 -6.46 5.21
CA ILE A 98 9.55 -7.36 4.81
C ILE A 98 9.12 -8.13 6.07
N VAL A 99 7.82 -8.29 6.27
CA VAL A 99 7.28 -9.04 7.41
C VAL A 99 7.95 -10.42 7.50
N LYS A 100 8.42 -10.75 8.71
CA LYS A 100 9.00 -12.06 8.97
C LYS A 100 7.93 -13.14 8.96
N TYR A 101 8.13 -14.12 8.09
CA TYR A 101 7.24 -15.27 7.97
C TYR A 101 7.97 -16.51 8.46
N HIS A 102 7.32 -17.24 9.37
CA HIS A 102 7.97 -18.36 10.06
C HIS A 102 7.48 -19.73 9.64
N GLY A 103 6.33 -19.79 8.98
CA GLY A 103 5.77 -21.06 8.52
C GLY A 103 4.26 -21.13 8.53
N LYS A 104 3.75 -22.30 8.17
CA LYS A 104 2.31 -22.52 8.05
C LYS A 104 1.89 -23.85 8.65
N PHE A 105 0.62 -23.94 9.03
CA PHE A 105 0.00 -25.18 9.47
C PHE A 105 -1.49 -25.14 9.17
N MET A 106 -2.13 -26.32 9.22
CA MET A 106 -3.57 -26.40 9.07
C MET A 106 -4.24 -26.55 10.43
N TYR A 107 -5.25 -25.72 10.68
CA TYR A 107 -6.13 -25.91 11.82
C TYR A 107 -7.45 -26.42 11.28
N TYR A 108 -7.55 -27.73 11.16
CA TYR A 108 -8.70 -28.42 10.56
C TYR A 108 -8.89 -28.01 9.09
N ASP A 109 -9.85 -27.12 8.84
CA ASP A 109 -10.13 -26.64 7.48
C ASP A 109 -9.45 -25.29 7.20
N HIS A 110 -8.80 -24.72 8.21
CA HIS A 110 -8.21 -23.38 8.11
C HIS A 110 -6.72 -23.40 7.82
N MET A 111 -6.32 -22.60 6.83
CA MET A 111 -4.91 -22.32 6.59
C MET A 111 -4.43 -21.23 7.54
N CYS A 112 -3.33 -21.51 8.23
CA CYS A 112 -2.78 -20.56 9.18
C CYS A 112 -1.34 -20.20 8.85
N LEU A 113 -1.09 -18.90 8.71
CA LEU A 113 0.25 -18.39 8.43
C LEU A 113 0.82 -17.71 9.66
N ILE A 114 2.08 -18.02 9.95
CA ILE A 114 2.73 -17.54 11.17
C ILE A 114 3.68 -16.39 10.86
N PHE A 115 3.41 -15.24 11.48
CA PHE A 115 4.20 -14.03 11.28
C PHE A 115 4.80 -13.53 12.59
N GLU A 116 5.73 -12.59 12.47
CA GLU A 116 6.18 -11.81 13.62
C GLU A 116 5.06 -10.85 14.04
N PRO A 117 4.96 -10.54 15.34
CA PRO A 117 3.96 -9.56 15.76
C PRO A 117 4.43 -8.13 15.46
N LEU A 118 3.56 -7.35 14.83
CA LEU A 118 3.89 -5.98 14.45
C LEU A 118 2.91 -4.96 15.04
N GLY A 119 3.28 -3.69 14.96
CA GLY A 119 2.43 -2.61 15.46
C GLY A 119 1.33 -2.20 14.50
N PRO A 120 0.69 -1.05 14.74
CA PRO A 120 -0.38 -0.58 13.87
C PRO A 120 0.13 -0.13 12.50
N SER A 121 -0.78 -0.09 11.51
CA SER A 121 -0.43 0.41 10.18
C SER A 121 -0.22 1.91 10.21
N LEU A 122 0.47 2.43 9.20
CA LEU A 122 0.67 3.86 9.05
C LEU A 122 -0.67 4.56 8.85
N TYR A 123 -1.62 3.84 8.26
CA TYR A 123 -2.98 4.36 8.09
C TYR A 123 -3.70 4.54 9.44
N GLU A 124 -3.58 3.54 10.32
CA GLU A 124 -4.15 3.61 11.66
C GLU A 124 -3.59 4.79 12.46
N ILE A 125 -2.29 5.05 12.31
CA ILE A 125 -1.63 6.18 12.97
C ILE A 125 -2.15 7.51 12.43
N ILE A 126 -2.36 7.59 11.12
CA ILE A 126 -3.01 8.74 10.50
C ILE A 126 -4.39 8.96 11.13
N THR A 127 -5.16 7.88 11.27
CA THR A 127 -6.48 7.89 11.89
C THR A 127 -6.44 8.43 13.32
N ARG A 128 -5.48 7.96 14.11
CA ARG A 128 -5.28 8.45 15.48
C ARG A 128 -4.89 9.92 15.51
N ASN A 129 -4.20 10.37 14.46
CA ASN A 129 -3.78 11.77 14.33
C ASN A 129 -4.82 12.67 13.68
N ASN A 130 -6.08 12.22 13.69
CA ASN A 130 -7.20 12.98 13.12
C ASN A 130 -7.10 13.23 11.62
N TYR A 131 -6.48 12.30 10.90
CA TYR A 131 -6.26 12.40 9.45
C TYR A 131 -5.41 13.61 9.04
N ASN A 132 -4.55 14.04 9.96
CA ASN A 132 -3.50 14.98 9.66
C ASN A 132 -2.25 14.21 9.25
N GLY A 133 -1.45 14.79 8.36
CA GLY A 133 -0.23 14.14 7.89
C GLY A 133 0.86 14.08 8.94
N PHE A 134 1.80 13.16 8.74
CA PHE A 134 2.99 13.05 9.59
C PHE A 134 3.86 14.30 9.43
N HIS A 135 4.72 14.55 10.41
CA HIS A 135 5.73 15.60 10.25
C HIS A 135 6.72 15.20 9.16
N ILE A 136 7.21 16.19 8.44
CA ILE A 136 8.06 15.98 7.26
C ILE A 136 9.37 15.23 7.59
N GLU A 137 9.88 15.41 8.82
CA GLU A 137 11.07 14.71 9.29
C GLU A 137 10.83 13.20 9.41
N ASP A 138 9.64 12.85 9.89
CA ASP A 138 9.24 11.45 10.04
C ASP A 138 8.94 10.80 8.69
N ILE A 139 8.31 11.57 7.79
CA ILE A 139 8.04 11.12 6.43
C ILE A 139 9.34 10.71 5.73
N LYS A 140 10.39 11.52 5.89
CA LYS A 140 11.70 11.25 5.33
C LYS A 140 12.21 9.85 5.72
N LEU A 141 12.05 9.51 7.00
CA LEU A 141 12.55 8.25 7.53
C LEU A 141 11.69 7.04 7.17
N TYR A 142 10.37 7.20 7.22
CA TYR A 142 9.46 6.15 6.72
C TYR A 142 9.78 5.87 5.26
N CYS A 143 9.97 6.95 4.49
CA CYS A 143 10.29 6.87 3.07
C CYS A 143 11.56 6.06 2.78
N ILE A 144 12.63 6.34 3.52
CA ILE A 144 13.89 5.59 3.40
C ILE A 144 13.66 4.10 3.65
N GLU A 145 12.91 3.79 4.71
CA GLU A 145 12.63 2.40 5.10
C GLU A 145 11.73 1.64 4.11
N ILE A 146 10.72 2.31 3.57
CA ILE A 146 9.85 1.68 2.56
C ILE A 146 10.64 1.41 1.26
N LEU A 147 11.56 2.32 0.94
CA LEU A 147 12.40 2.17 -0.26
C LEU A 147 13.40 1.03 -0.17
N LYS A 148 13.91 0.77 1.04
CA LYS A 148 14.78 -0.39 1.27
C LYS A 148 14.06 -1.68 0.91
N ALA A 149 12.78 -1.75 1.29
CA ALA A 149 11.94 -2.90 1.01
C ALA A 149 11.63 -3.04 -0.48
N LEU A 150 11.35 -1.92 -1.13
CA LEU A 150 11.02 -1.92 -2.57
C LEU A 150 12.23 -2.19 -3.45
N ASN A 151 13.40 -1.72 -3.01
CA ASN A 151 14.66 -2.01 -3.69
C ASN A 151 14.99 -3.49 -3.63
N TYR A 152 14.68 -4.11 -2.48
CA TYR A 152 14.86 -5.54 -2.30
C TYR A 152 13.92 -6.36 -3.18
N LEU A 153 12.65 -5.96 -3.23
CA LEU A 153 11.65 -6.62 -4.07
C LEU A 153 11.99 -6.51 -5.56
N ARG A 154 12.59 -5.38 -5.94
CA ARG A 154 13.07 -5.16 -7.30
C ARG A 154 14.15 -6.18 -7.66
N LYS A 155 15.10 -6.36 -6.74
CA LYS A 155 16.19 -7.33 -6.91
C LYS A 155 15.71 -8.77 -6.94
N MET A 156 14.56 -9.03 -6.31
CA MET A 156 13.92 -10.35 -6.31
C MET A 156 12.93 -10.49 -7.47
N SER A 157 12.82 -9.44 -8.29
CA SER A 157 11.89 -9.38 -9.42
C SER A 157 10.43 -9.62 -9.02
N LEU A 158 10.02 -9.00 -7.90
CA LEU A 158 8.68 -9.19 -7.36
C LEU A 158 7.91 -7.86 -7.29
N THR A 159 6.68 -7.89 -7.81
CA THR A 159 5.77 -6.76 -7.72
C THR A 159 4.75 -7.08 -6.63
N HIS A 160 4.65 -6.19 -5.64
CA HIS A 160 3.73 -6.36 -4.51
C HIS A 160 2.27 -6.25 -4.95
N THR A 161 1.99 -5.29 -5.82
CA THR A 161 0.67 -5.01 -6.40
C THR A 161 -0.37 -4.40 -5.45
N ASP A 162 -0.08 -4.36 -4.15
CA ASP A 162 -1.06 -3.83 -3.19
C ASP A 162 -0.45 -2.87 -2.15
N LEU A 163 0.37 -1.95 -2.63
CA LEU A 163 0.98 -0.93 -1.77
C LEU A 163 -0.03 0.11 -1.34
N LYS A 164 -0.17 0.25 -0.02
CA LYS A 164 -1.04 1.24 0.60
C LYS A 164 -0.64 1.35 2.08
N PRO A 165 -0.96 2.50 2.73
CA PRO A 165 -0.59 2.69 4.14
C PRO A 165 -1.16 1.64 5.10
N GLU A 166 -2.23 0.96 4.70
CA GLU A 166 -2.78 -0.15 5.47
C GLU A 166 -1.85 -1.36 5.47
N ASN A 167 -1.06 -1.49 4.41
CA ASN A 167 -0.15 -2.62 4.26
C ASN A 167 1.30 -2.32 4.66
N ILE A 168 1.49 -1.18 5.32
CA ILE A 168 2.78 -0.82 5.88
C ILE A 168 2.60 -0.69 7.40
N LEU A 169 3.18 -1.63 8.14
CA LEU A 169 3.02 -1.67 9.59
C LEU A 169 4.24 -1.15 10.33
N LEU A 170 3.99 -0.54 11.49
CA LEU A 170 5.03 -0.04 12.38
C LEU A 170 5.78 -1.24 12.98
N ASP A 171 7.10 -1.20 12.91
CA ASP A 171 7.96 -2.31 13.37
C ASP A 171 7.80 -2.61 14.86
N ASP A 172 7.48 -1.57 15.63
CA ASP A 172 7.33 -1.68 17.08
C ASP A 172 5.90 -2.06 17.47
N PRO A 173 5.71 -3.30 17.99
CA PRO A 173 4.38 -3.78 18.37
C PRO A 173 3.78 -3.07 19.60
N TYR A 174 4.60 -2.33 20.33
CA TYR A 174 4.16 -1.61 21.52
C TYR A 174 3.68 -0.18 21.24
N PHE A 175 3.91 0.29 20.01
CA PHE A 175 3.40 1.59 19.54
C PHE A 175 3.76 2.72 20.51
N GLU A 176 5.07 2.89 20.75
CA GLU A 176 5.56 3.96 21.62
C GLU A 176 5.49 5.31 20.89
N LYS A 177 4.80 6.26 21.49
CA LYS A 177 4.59 7.58 20.90
C LYS A 177 4.39 8.68 21.93
N SER A 178 4.48 9.93 21.47
CA SER A 178 4.19 11.10 22.29
C SER A 178 3.70 12.26 21.42
N LEU A 179 2.95 13.18 22.03
CA LEU A 179 2.37 14.32 21.32
C LEU A 179 3.41 15.38 20.99
N ILE A 180 3.36 15.86 19.75
CA ILE A 180 4.21 16.98 19.29
C ILE A 180 3.34 18.05 18.65
N THR A 181 3.86 19.27 18.61
CA THR A 181 3.15 20.39 17.97
C THR A 181 3.70 20.63 16.57
N VAL A 182 2.79 20.74 15.60
CA VAL A 182 3.13 20.91 14.19
C VAL A 182 2.20 21.95 13.57
N ARG A 183 2.72 22.75 12.65
CA ARG A 183 1.89 23.62 11.83
C ARG A 183 1.28 22.79 10.71
N ARG A 184 -0.05 22.74 10.67
CA ARG A 184 -0.77 21.97 9.65
C ARG A 184 -0.45 22.49 8.25
N VAL A 185 -0.30 21.57 7.30
CA VAL A 185 0.12 21.89 5.94
C VAL A 185 -0.84 22.81 5.18
N THR A 186 -2.14 22.64 5.43
CA THR A 186 -3.17 23.40 4.71
C THR A 186 -3.20 24.89 5.07
N ASP A 187 -3.47 25.20 6.34
CA ASP A 187 -3.72 26.58 6.76
C ASP A 187 -2.67 27.19 7.70
N GLY A 188 -1.70 26.38 8.12
CA GLY A 188 -0.65 26.83 9.03
C GLY A 188 -1.05 26.83 10.50
N LYS A 189 -2.23 26.29 10.79
CA LYS A 189 -2.75 26.18 12.15
C LYS A 189 -1.90 25.22 12.98
N LYS A 190 -1.54 25.65 14.18
CA LYS A 190 -0.79 24.80 15.11
C LYS A 190 -1.68 23.73 15.73
N ILE A 191 -1.34 22.47 15.46
CA ILE A 191 -2.08 21.31 15.94
C ILE A 191 -1.15 20.31 16.62
N GLN A 192 -1.73 19.36 17.35
CA GLN A 192 -0.96 18.27 17.94
C GLN A 192 -1.19 16.96 17.22
N ILE A 193 -0.10 16.26 16.95
CA ILE A 193 -0.13 14.90 16.38
C ILE A 193 0.81 14.00 17.15
N TYR A 194 0.71 12.69 16.92
CA TYR A 194 1.63 11.73 17.52
C TYR A 194 2.82 11.46 16.62
N ARG A 195 4.00 11.50 17.22
CA ARG A 195 5.22 11.02 16.59
C ARG A 195 5.60 9.68 17.23
N THR A 196 5.86 8.68 16.41
CA THR A 196 6.28 7.38 16.90
C THR A 196 7.76 7.40 17.28
N LYS A 197 8.14 6.62 18.28
CA LYS A 197 9.53 6.46 18.68
C LYS A 197 10.30 5.75 17.57
N SER A 198 9.85 4.55 17.22
CA SER A 198 10.41 3.80 16.12
C SER A 198 9.95 4.37 14.79
N THR A 199 10.85 4.40 13.82
CA THR A 199 10.48 4.81 12.46
C THR A 199 10.58 3.63 11.48
N GLY A 200 10.89 2.46 12.01
CA GLY A 200 11.00 1.23 11.23
C GLY A 200 9.64 0.70 10.79
N ILE A 201 9.59 0.15 9.58
CA ILE A 201 8.35 -0.38 9.02
C ILE A 201 8.52 -1.78 8.44
N LYS A 202 7.41 -2.49 8.28
CA LYS A 202 7.40 -3.77 7.57
C LYS A 202 6.25 -3.83 6.57
N LEU A 203 6.55 -4.33 5.36
CA LEU A 203 5.52 -4.55 4.35
C LEU A 203 4.79 -5.86 4.64
N ILE A 204 3.46 -5.83 4.53
CA ILE A 204 2.64 -7.03 4.69
C ILE A 204 1.76 -7.25 3.46
N ASP A 205 0.96 -8.32 3.51
CA ASP A 205 -0.10 -8.57 2.53
C ASP A 205 0.43 -8.89 1.14
N PHE A 206 1.13 -10.01 1.02
CA PHE A 206 1.78 -10.43 -0.22
C PHE A 206 0.95 -11.41 -1.05
N GLY A 207 -0.36 -11.43 -0.80
CA GLY A 207 -1.28 -12.37 -1.46
C GLY A 207 -1.33 -12.23 -2.98
N CYS A 208 -1.39 -10.99 -3.46
CA CYS A 208 -1.51 -10.72 -4.89
C CYS A 208 -0.15 -10.50 -5.58
N ALA A 209 0.92 -10.72 -4.83
CA ALA A 209 2.29 -10.50 -5.31
C ALA A 209 2.63 -11.35 -6.53
N THR A 210 3.33 -10.75 -7.48
CA THR A 210 3.59 -11.37 -8.78
C THR A 210 5.04 -11.25 -9.21
N PHE A 211 5.69 -12.39 -9.42
CA PHE A 211 7.05 -12.43 -9.94
C PHE A 211 7.07 -12.09 -11.43
N LYS A 212 8.22 -11.63 -11.91
CA LYS A 212 8.39 -11.21 -13.30
C LYS A 212 7.92 -12.27 -14.30
N SER A 213 8.20 -13.54 -14.00
CA SER A 213 7.87 -14.65 -14.90
C SER A 213 6.43 -15.17 -14.74
N ASP A 214 5.79 -14.83 -13.62
CA ASP A 214 4.43 -15.30 -13.32
C ASP A 214 3.36 -14.65 -14.21
N TYR A 215 2.13 -15.14 -14.10
CA TYR A 215 1.00 -14.59 -14.83
C TYR A 215 0.60 -13.20 -14.30
N HIS A 216 0.33 -12.29 -15.22
CA HIS A 216 -0.06 -10.91 -14.88
C HIS A 216 -1.56 -10.69 -15.10
N GLY A 217 -2.27 -10.40 -14.01
CA GLY A 217 -3.71 -10.15 -14.07
C GLY A 217 -4.04 -8.82 -14.72
N SER A 218 -5.29 -8.67 -15.14
CA SER A 218 -5.75 -7.45 -15.80
C SER A 218 -5.81 -6.27 -14.83
N ILE A 219 -6.42 -6.50 -13.66
CA ILE A 219 -6.57 -5.46 -12.66
C ILE A 219 -5.80 -5.81 -11.38
N ILE A 220 -4.90 -4.90 -11.00
CA ILE A 220 -4.16 -5.00 -9.74
C ILE A 220 -4.32 -3.71 -8.95
N ASN A 221 -3.81 -3.72 -7.72
CA ASN A 221 -3.85 -2.56 -6.80
C ASN A 221 -5.22 -2.33 -6.17
N THR A 222 -5.21 -1.70 -5.00
CA THR A 222 -6.41 -1.10 -4.44
C THR A 222 -6.74 0.10 -5.32
N ARG A 223 -8.02 0.26 -5.66
CA ARG A 223 -8.48 1.26 -6.63
C ARG A 223 -7.77 2.62 -6.56
N GLN A 224 -7.68 3.17 -5.35
CA GLN A 224 -7.16 4.52 -5.15
C GLN A 224 -5.64 4.64 -5.37
N TYR A 225 -4.96 3.50 -5.36
CA TYR A 225 -3.50 3.45 -5.52
C TYR A 225 -3.12 2.80 -6.85
N ARG A 226 -4.12 2.63 -7.71
CA ARG A 226 -3.95 1.94 -8.99
C ARG A 226 -3.19 2.78 -10.01
N ALA A 227 -2.21 2.16 -10.66
CA ALA A 227 -1.39 2.81 -11.68
C ALA A 227 -2.17 3.09 -12.97
N PRO A 228 -1.83 4.19 -13.67
CA PRO A 228 -2.48 4.57 -14.94
C PRO A 228 -2.44 3.48 -16.00
N GLU A 229 -1.31 2.78 -16.11
CA GLU A 229 -1.14 1.71 -17.11
C GLU A 229 -1.99 0.48 -16.79
N VAL A 230 -2.37 0.33 -15.53
CA VAL A 230 -3.29 -0.73 -15.10
C VAL A 230 -4.71 -0.39 -15.53
N ILE A 231 -5.14 0.83 -15.20
CA ILE A 231 -6.47 1.33 -15.58
C ILE A 231 -6.65 1.31 -17.09
N LEU A 232 -5.68 1.86 -17.81
CA LEU A 232 -5.74 1.92 -19.27
C LEU A 232 -5.43 0.59 -19.96
N ASN A 233 -5.17 -0.44 -19.17
CA ASN A 233 -4.93 -1.80 -19.67
C ASN A 233 -3.73 -1.90 -20.64
N LEU A 234 -2.67 -1.15 -20.33
CA LEU A 234 -1.48 -1.09 -21.19
C LEU A 234 -0.41 -2.12 -20.83
N GLY A 235 -0.72 -2.99 -19.87
CA GLY A 235 0.26 -3.91 -19.33
C GLY A 235 1.07 -3.25 -18.22
N TRP A 236 1.50 -4.06 -17.26
CA TRP A 236 2.21 -3.51 -16.09
C TRP A 236 3.40 -4.36 -15.67
N ASP A 237 4.33 -3.74 -14.94
CA ASP A 237 5.46 -4.44 -14.34
C ASP A 237 5.78 -3.87 -12.96
N VAL A 238 7.01 -4.05 -12.49
CA VAL A 238 7.43 -3.62 -11.16
C VAL A 238 7.35 -2.11 -10.94
N SER A 239 7.29 -1.35 -12.04
CA SER A 239 7.19 0.11 -11.98
C SER A 239 5.80 0.59 -11.55
N SER A 240 4.81 -0.29 -11.63
CA SER A 240 3.46 0.01 -11.14
C SER A 240 3.42 0.21 -9.62
N ASP A 241 4.26 -0.55 -8.90
CA ASP A 241 4.45 -0.37 -7.45
C ASP A 241 4.92 1.04 -7.09
N MET A 242 5.70 1.64 -7.98
CA MET A 242 6.23 2.99 -7.78
C MET A 242 5.14 4.06 -7.80
N TRP A 243 4.14 3.90 -8.65
CA TRP A 243 3.00 4.82 -8.67
C TRP A 243 2.22 4.78 -7.35
N SER A 244 1.99 3.56 -6.85
CA SER A 244 1.29 3.35 -5.59
C SER A 244 2.03 3.99 -4.43
N PHE A 245 3.35 3.87 -4.46
CA PHE A 245 4.24 4.45 -3.46
C PHE A 245 4.08 5.97 -3.38
N GLY A 246 3.93 6.61 -4.54
CA GLY A 246 3.73 8.06 -4.61
C GLY A 246 2.42 8.49 -3.99
N CYS A 247 1.37 7.67 -4.17
CA CYS A 247 0.07 7.91 -3.56
C CYS A 247 0.13 7.75 -2.05
N VAL A 248 0.87 6.74 -1.59
CA VAL A 248 1.12 6.51 -0.16
C VAL A 248 1.78 7.74 0.46
N LEU A 249 2.86 8.23 -0.17
CA LEU A 249 3.61 9.37 0.33
C LEU A 249 2.79 10.66 0.39
N ALA A 250 1.97 10.89 -0.63
CA ALA A 250 1.07 12.04 -0.65
C ALA A 250 0.10 11.97 0.53
N GLU A 251 -0.38 10.76 0.81
CA GLU A 251 -1.30 10.51 1.92
C GLU A 251 -0.62 10.65 3.28
N LEU A 252 0.63 10.23 3.39
CA LEU A 252 1.40 10.41 4.62
C LEU A 252 1.63 11.90 4.95
N TYR A 253 1.65 12.72 3.89
CA TYR A 253 1.88 14.15 4.02
C TYR A 253 0.61 14.94 4.35
N THR A 254 -0.50 14.60 3.69
CA THR A 254 -1.76 15.35 3.84
C THR A 254 -2.76 14.69 4.79
N GLY A 255 -2.58 13.40 5.03
CA GLY A 255 -3.51 12.62 5.86
C GLY A 255 -4.73 12.12 5.11
N SER A 256 -4.81 12.45 3.83
CA SER A 256 -5.94 12.05 2.99
C SER A 256 -5.49 11.46 1.66
N LEU A 257 -6.38 10.69 1.02
CA LEU A 257 -6.11 10.05 -0.26
C LEU A 257 -5.80 11.06 -1.35
N LEU A 258 -4.80 10.76 -2.17
CA LEU A 258 -4.52 11.60 -3.33
C LEU A 258 -5.65 11.50 -4.34
N PHE A 259 -6.14 10.28 -4.54
CA PHE A 259 -7.26 10.04 -5.47
C PHE A 259 -8.49 9.50 -4.75
N ARG A 260 -9.36 10.41 -4.32
CA ARG A 260 -10.63 10.06 -3.70
C ARG A 260 -11.66 9.82 -4.80
N THR A 261 -11.84 8.56 -5.18
CA THR A 261 -12.67 8.19 -6.33
C THR A 261 -13.15 6.74 -6.23
N HIS A 262 -14.17 6.39 -7.02
CA HIS A 262 -14.65 5.01 -7.08
C HIS A 262 -14.83 4.44 -8.50
N GLU A 263 -14.48 5.23 -9.50
CA GLU A 263 -14.56 4.80 -10.90
C GLU A 263 -13.35 5.22 -11.71
N HIS A 264 -12.98 4.39 -12.69
CA HIS A 264 -11.78 4.60 -13.50
C HIS A 264 -11.74 5.93 -14.25
N MET A 265 -12.83 6.27 -14.93
CA MET A 265 -12.90 7.51 -15.72
C MET A 265 -12.60 8.75 -14.89
N GLU A 266 -13.27 8.87 -13.74
CA GLU A 266 -13.04 9.97 -12.81
C GLU A 266 -11.59 9.95 -12.32
N HIS A 267 -11.13 8.76 -11.95
CA HIS A 267 -9.75 8.52 -11.52
C HIS A 267 -8.75 9.09 -12.52
N LEU A 268 -8.97 8.80 -13.80
CA LEU A 268 -8.09 9.25 -14.87
C LEU A 268 -8.09 10.78 -15.04
N ALA A 269 -9.28 11.37 -14.98
CA ALA A 269 -9.43 12.83 -15.08
C ALA A 269 -8.79 13.54 -13.89
N MET A 270 -8.82 12.88 -12.72
CA MET A 270 -8.15 13.39 -11.52
C MET A 270 -6.63 13.42 -11.66
N MET A 271 -6.09 12.43 -12.36
CA MET A 271 -4.64 12.34 -12.61
C MET A 271 -4.14 13.51 -13.45
N GLU A 272 -4.96 13.94 -14.40
CA GLU A 272 -4.62 15.07 -15.27
C GLU A 272 -4.70 16.40 -14.53
N SER A 273 -5.66 16.52 -13.61
CA SER A 273 -5.85 17.74 -12.84
C SER A 273 -4.79 17.90 -11.74
N ILE A 274 -4.35 16.79 -11.16
CA ILE A 274 -3.44 16.82 -10.01
C ILE A 274 -1.96 16.75 -10.42
N ILE A 275 -1.62 15.86 -11.35
CA ILE A 275 -0.24 15.68 -11.78
C ILE A 275 0.04 16.31 -13.15
N GLN A 276 -0.35 15.61 -14.21
CA GLN A 276 0.00 16.00 -15.58
C GLN A 276 -0.97 15.38 -16.58
N PRO A 277 -1.09 15.98 -17.78
CA PRO A 277 -1.88 15.32 -18.83
C PRO A 277 -1.26 13.97 -19.20
N ILE A 278 -2.12 13.02 -19.55
CA ILE A 278 -1.68 11.68 -19.93
C ILE A 278 -0.96 11.72 -21.29
N PRO A 279 0.30 11.23 -21.34
CA PRO A 279 1.09 11.19 -22.56
C PRO A 279 0.29 10.67 -23.75
N LYS A 280 0.42 11.37 -24.88
CA LYS A 280 -0.36 11.09 -26.09
C LYS A 280 -0.19 9.65 -26.58
N ASN A 281 1.01 9.09 -26.40
CA ASN A 281 1.33 7.73 -26.80
C ASN A 281 0.57 6.67 -26.01
N MET A 282 0.36 6.93 -24.72
CA MET A 282 -0.37 6.01 -23.85
C MET A 282 -1.85 5.96 -24.19
N LEU A 283 -2.42 7.13 -24.49
CA LEU A 283 -3.82 7.22 -24.94
C LEU A 283 -4.03 6.50 -26.27
N TYR A 284 -3.02 6.52 -27.13
CA TYR A 284 -3.06 5.82 -28.41
C TYR A 284 -3.04 4.30 -28.24
N GLU A 285 -2.17 3.81 -27.35
CA GLU A 285 -2.06 2.37 -27.08
C GLU A 285 -3.29 1.84 -26.34
N ALA A 286 -4.02 2.74 -25.68
CA ALA A 286 -5.23 2.39 -24.93
C ALA A 286 -6.42 2.09 -25.84
N THR A 287 -6.42 2.68 -27.02
CA THR A 287 -7.50 2.47 -28.00
C THR A 287 -7.50 1.04 -28.53
N LYS A 288 -6.36 0.37 -28.42
CA LYS A 288 -6.20 -1.01 -28.88
C LYS A 288 -6.50 -2.03 -27.77
N THR A 289 -6.63 -1.54 -26.54
CA THR A 289 -6.88 -2.41 -25.39
C THR A 289 -8.26 -2.15 -24.76
N ASN A 290 -8.49 -2.68 -23.56
CA ASN A 290 -9.73 -2.46 -22.83
C ASN A 290 -9.85 -1.06 -22.23
N GLY A 291 -8.81 -0.25 -22.40
CA GLY A 291 -8.82 1.15 -21.98
C GLY A 291 -9.47 2.05 -23.01
N SER A 292 -9.96 1.43 -24.08
CA SER A 292 -10.59 2.12 -25.20
C SER A 292 -11.76 3.03 -24.80
N LYS A 293 -12.58 2.57 -23.85
CA LYS A 293 -13.78 3.30 -23.43
C LYS A 293 -13.47 4.60 -22.66
N TYR A 294 -12.20 4.82 -22.34
CA TYR A 294 -11.76 6.02 -21.63
C TYR A 294 -11.20 7.09 -22.56
N VAL A 295 -10.91 6.70 -23.80
CA VAL A 295 -10.22 7.57 -24.76
C VAL A 295 -11.15 8.06 -25.87
N ASN A 296 -11.11 9.36 -26.14
CA ASN A 296 -11.71 9.94 -27.33
C ASN A 296 -10.78 9.66 -28.51
N LYS A 297 -11.12 8.63 -29.28
CA LYS A 297 -10.25 8.09 -30.33
C LYS A 297 -9.78 9.14 -31.36
N ASP A 298 -10.69 10.00 -31.78
CA ASP A 298 -10.41 10.99 -32.83
C ASP A 298 -9.45 12.08 -32.37
N GLU A 299 -9.71 12.68 -31.21
CA GLU A 299 -8.92 13.79 -30.70
C GLU A 299 -7.70 13.37 -29.88
N LEU A 300 -7.56 12.06 -29.67
CA LEU A 300 -6.49 11.47 -28.83
C LEU A 300 -6.37 12.09 -27.44
N LYS A 301 -7.51 12.25 -26.77
CA LYS A 301 -7.57 12.80 -25.42
C LYS A 301 -8.53 11.97 -24.55
N LEU A 302 -8.51 12.23 -23.25
CA LEU A 302 -9.46 11.61 -22.33
C LEU A 302 -10.89 12.00 -22.70
N ALA A 303 -11.79 11.02 -22.68
CA ALA A 303 -13.20 11.25 -22.96
C ALA A 303 -13.89 11.93 -21.79
N TRP A 304 -13.36 13.09 -21.41
CA TRP A 304 -13.83 13.88 -20.27
C TRP A 304 -14.14 15.30 -20.74
N PRO A 305 -15.29 15.86 -20.33
CA PRO A 305 -16.28 15.31 -19.39
C PRO A 305 -17.38 14.44 -20.02
N GLU A 306 -17.19 14.03 -21.27
CA GLU A 306 -18.22 13.26 -21.99
C GLU A 306 -18.70 12.02 -21.25
N ASN A 307 -17.75 11.21 -20.76
CA ASN A 307 -18.05 9.94 -20.11
C ASN A 307 -18.20 10.01 -18.58
N ALA A 308 -18.47 11.21 -18.06
CA ALA A 308 -18.76 11.39 -16.63
C ALA A 308 -20.09 10.75 -16.27
N SER A 309 -20.29 10.47 -14.98
CA SER A 309 -21.50 9.82 -14.50
C SER A 309 -22.51 10.78 -13.87
N SER A 310 -22.03 11.95 -13.45
CA SER A 310 -22.87 13.00 -12.88
C SER A 310 -22.15 14.34 -12.90
N ILE A 311 -22.88 15.42 -12.58
CA ILE A 311 -22.28 16.76 -12.47
C ILE A 311 -21.43 16.89 -11.20
N ASN A 312 -21.79 16.12 -10.17
CA ASN A 312 -21.02 16.08 -8.93
C ASN A 312 -19.63 15.50 -9.16
N SER A 313 -19.55 14.47 -10.00
CA SER A 313 -18.29 13.88 -10.42
C SER A 313 -17.40 14.89 -11.14
N ILE A 314 -18.03 15.74 -11.96
CA ILE A 314 -17.33 16.81 -12.67
C ILE A 314 -16.86 17.89 -11.71
N LYS A 315 -17.74 18.31 -10.79
CA LYS A 315 -17.39 19.30 -9.77
C LYS A 315 -16.28 18.80 -8.86
N HIS A 316 -16.31 17.49 -8.58
CA HIS A 316 -15.28 16.84 -7.76
C HIS A 316 -13.90 16.92 -8.41
N VAL A 317 -13.83 16.62 -9.70
CA VAL A 317 -12.58 16.68 -10.46
C VAL A 317 -12.10 18.12 -10.64
N LYS A 318 -13.04 19.05 -10.79
CA LYS A 318 -12.74 20.47 -10.91
C LYS A 318 -12.15 21.03 -9.61
N LYS A 319 -12.62 20.50 -8.48
CA LYS A 319 -12.16 20.93 -7.16
C LYS A 319 -10.76 20.40 -6.81
N CYS A 320 -10.24 19.50 -7.64
CA CYS A 320 -8.92 18.89 -7.41
C CYS A 320 -7.78 19.87 -7.66
N LEU A 321 -7.03 20.17 -6.60
CA LEU A 321 -5.86 21.02 -6.68
C LEU A 321 -4.67 20.25 -7.27
N PRO A 322 -3.85 20.93 -8.10
CA PRO A 322 -2.60 20.33 -8.57
C PRO A 322 -1.66 20.03 -7.42
N LEU A 323 -0.76 19.06 -7.62
CA LEU A 323 0.09 18.54 -6.55
C LEU A 323 0.94 19.60 -5.82
N TYR A 324 1.40 20.62 -6.54
CA TYR A 324 2.26 21.65 -5.96
C TYR A 324 1.55 22.59 -4.98
N LYS A 325 0.23 22.71 -5.12
CA LYS A 325 -0.60 23.43 -4.16
C LYS A 325 -0.84 22.60 -2.90
N ILE A 326 -0.76 21.27 -3.05
CA ILE A 326 -1.01 20.35 -1.94
C ILE A 326 0.27 20.11 -1.14
N ILE A 327 1.38 19.85 -1.85
CA ILE A 327 2.67 19.61 -1.22
C ILE A 327 3.45 20.92 -1.08
N LYS A 328 3.49 21.45 0.13
CA LYS A 328 4.12 22.75 0.41
C LYS A 328 5.65 22.69 0.46
N HIS A 329 6.19 21.53 0.81
CA HIS A 329 7.63 21.32 0.91
C HIS A 329 8.24 21.18 -0.49
N GLU A 330 9.29 21.95 -0.77
CA GLU A 330 9.85 22.04 -2.12
C GLU A 330 10.59 20.80 -2.60
N LEU A 331 11.49 20.28 -1.75
CA LEU A 331 12.24 19.07 -2.10
C LEU A 331 11.36 17.83 -2.15
N PHE A 332 10.36 17.79 -1.26
CA PHE A 332 9.41 16.67 -1.25
C PHE A 332 8.46 16.72 -2.44
N CYS A 333 8.14 17.93 -2.89
CA CYS A 333 7.31 18.11 -4.07
C CYS A 333 8.03 17.60 -5.32
N ASP A 334 9.28 18.01 -5.48
CA ASP A 334 10.15 17.53 -6.57
C ASP A 334 10.31 16.01 -6.52
N PHE A 335 10.52 15.50 -5.31
CA PHE A 335 10.65 14.07 -5.04
C PHE A 335 9.40 13.30 -5.49
N LEU A 336 8.24 13.88 -5.19
CA LEU A 336 6.96 13.25 -5.47
C LEU A 336 6.61 13.25 -6.97
N TYR A 337 6.93 14.35 -7.64
CA TYR A 337 6.70 14.46 -9.09
C TYR A 337 7.55 13.47 -9.88
N SER A 338 8.76 13.17 -9.39
CA SER A 338 9.62 12.16 -9.97
C SER A 338 8.94 10.80 -9.95
N ILE A 339 8.34 10.48 -8.81
CA ILE A 339 7.67 9.20 -8.60
C ILE A 339 6.36 9.13 -9.38
N LEU A 340 5.53 10.15 -9.23
CA LEU A 340 4.19 10.17 -9.83
C LEU A 340 4.22 10.54 -11.31
N GLN A 341 4.98 9.76 -12.09
CA GLN A 341 5.06 9.92 -13.53
C GLN A 341 4.01 9.00 -14.14
N ILE A 342 3.16 9.54 -15.01
CA ILE A 342 2.10 8.74 -15.63
C ILE A 342 2.70 7.68 -16.57
N ASP A 343 3.74 8.06 -17.31
CA ASP A 343 4.50 7.11 -18.11
C ASP A 343 5.34 6.24 -17.17
N PRO A 344 5.05 4.92 -17.14
CA PRO A 344 5.75 4.01 -16.23
C PRO A 344 7.24 3.84 -16.53
N THR A 345 7.64 4.08 -17.78
CA THR A 345 9.04 3.94 -18.19
C THR A 345 9.89 5.10 -17.69
N LEU A 346 9.24 6.21 -17.34
CA LEU A 346 9.93 7.41 -16.86
C LEU A 346 10.08 7.44 -15.34
N ARG A 347 9.44 6.49 -14.66
CA ARG A 347 9.52 6.38 -13.20
C ARG A 347 10.89 5.88 -12.75
N PRO A 348 11.45 6.49 -11.69
CA PRO A 348 12.74 6.04 -11.17
C PRO A 348 12.61 4.74 -10.39
N SER A 349 13.73 4.01 -10.30
CA SER A 349 13.79 2.81 -9.47
C SER A 349 14.03 3.21 -8.02
N PRO A 350 13.73 2.30 -7.07
CA PRO A 350 13.99 2.60 -5.65
C PRO A 350 15.45 2.97 -5.36
N ALA A 351 16.38 2.34 -6.07
CA ALA A 351 17.82 2.63 -5.91
C ALA A 351 18.16 4.08 -6.26
N GLU A 352 17.54 4.60 -7.31
CA GLU A 352 17.77 5.97 -7.77
C GLU A 352 17.20 7.01 -6.81
N LEU A 353 16.02 6.72 -6.25
CA LEU A 353 15.34 7.61 -5.31
C LEU A 353 16.08 7.79 -4.00
N LEU A 354 16.81 6.75 -3.58
CA LEU A 354 17.63 6.80 -2.37
C LEU A 354 18.80 7.78 -2.50
N LYS A 355 19.06 8.23 -3.73
CA LYS A 355 20.10 9.20 -4.02
C LYS A 355 19.56 10.63 -4.13
N HIS A 356 18.23 10.76 -4.09
CA HIS A 356 17.56 12.06 -4.22
C HIS A 356 17.92 12.98 -3.06
N LYS A 357 18.00 14.27 -3.35
CA LYS A 357 18.43 15.29 -2.38
C LYS A 357 17.56 15.32 -1.11
N PHE A 358 16.29 14.99 -1.27
CA PHE A 358 15.32 14.97 -0.16
C PHE A 358 15.70 13.97 0.93
N LEU A 359 16.30 12.85 0.53
CA LEU A 359 16.65 11.78 1.47
C LEU A 359 18.11 11.83 1.95
N GLU A 360 18.74 13.00 1.86
CA GLU A 360 20.13 13.15 2.29
C GLU A 360 20.28 14.01 3.53
#